data_2ZHB
#
_entry.id   2ZHB
#
_cell.length_a   58.139
_cell.length_b   58.139
_cell.length_c   443.483
_cell.angle_alpha   90.00
_cell.angle_beta   90.00
_cell.angle_gamma   90.00
#
_symmetry.space_group_name_H-M   'P 43 21 2'
#
loop_
_entity.id
_entity.type
_entity.pdbx_description
1 polymer 'tRNA (34-MER)'
2 polymer 'CCA-adding enzyme'
3 non-polymer 'SULFATE ION'
4 water water
#
loop_
_entity_poly.entity_id
_entity_poly.type
_entity_poly.pdbx_seq_one_letter_code
_entity_poly.pdbx_strand_id
1 'polyribonucleotide' GGCCCGGGGCGGUUCGAUUCCGCCCUGGGCCAUC B
2 'polypeptide(L)'
;KVEEILEKALELVIPDEEEVRKGREAEEELRRRLDELGVEYVFVGSYARNTWLKGSLEIDVFLLFPEEFSKEELRERGLE
IGKAVLDSYEIRYAEHPYVHGVVKGVEVDVVPCYKLKEPKNIKSAVDRTPFHHKWLEGRIKGKENEVRLLKGFLKANGIY
GAEYKVRGFSGYLCELLIVFYGSFLETVKNARRWTRRTVIDVAKGEVRKGEEFFVVDPVDEKRNVAANLSLDNLARFVHL
CREFMEAPSLGFFKPKHPLEIEPERLRKIVEERGTAVFAVKFRKPDIVDDNLYPQLERASRKIFEFLERENFMPLRSAFK
ASEEFCYLLFECQIKEISRVFRRMGPQFEDERNVKKFLSRNRAFRPFIENGRWWAFEMRKFTTPEEGVRSYASTHWHTLG
KNVGESIREYFEIISGEKLFKEPVTAELCEMMGVKD
;
A
#
# COMPACT_ATOMS: atom_id res chain seq x y z
N LYS B 1 25.64 -20.13 -4.00
CA LYS B 1 25.69 -19.50 -2.67
C LYS B 1 25.37 -18.02 -2.82
N VAL B 2 24.90 -17.41 -1.73
CA VAL B 2 24.53 -15.99 -1.72
C VAL B 2 25.31 -15.15 -2.72
N GLU B 3 26.62 -15.07 -2.51
CA GLU B 3 27.51 -14.29 -3.38
C GLU B 3 27.28 -14.59 -4.86
N GLU B 4 27.40 -15.86 -5.25
CA GLU B 4 27.19 -16.22 -6.66
C GLU B 4 25.82 -15.75 -7.10
N ILE B 5 24.84 -15.89 -6.21
CA ILE B 5 23.48 -15.48 -6.50
C ILE B 5 23.37 -13.97 -6.66
N LEU B 6 23.89 -13.22 -5.71
CA LEU B 6 23.85 -11.76 -5.76
C LEU B 6 24.56 -11.29 -7.03
N GLU B 7 25.52 -12.07 -7.52
CA GLU B 7 26.25 -11.74 -8.73
C GLU B 7 25.30 -11.77 -9.92
N LYS B 8 24.72 -12.93 -10.13
CA LYS B 8 23.79 -13.11 -11.23
C LYS B 8 22.65 -12.10 -11.10
N ALA B 9 22.41 -11.63 -9.87
CA ALA B 9 21.33 -10.69 -9.59
C ALA B 9 21.58 -9.26 -10.07
N LEU B 10 22.80 -8.76 -9.86
CA LEU B 10 23.13 -7.41 -10.28
C LEU B 10 22.63 -7.21 -11.70
N GLU B 11 22.60 -8.32 -12.43
CA GLU B 11 22.19 -8.35 -13.82
C GLU B 11 20.73 -7.93 -14.03
N LEU B 12 19.88 -8.18 -13.04
CA LEU B 12 18.46 -7.83 -13.14
C LEU B 12 18.15 -6.48 -12.54
N VAL B 13 19.04 -5.99 -11.68
CA VAL B 13 18.83 -4.71 -11.03
C VAL B 13 19.59 -3.52 -11.63
N ILE B 14 20.83 -3.74 -12.06
CA ILE B 14 21.60 -2.64 -12.61
C ILE B 14 21.24 -2.31 -14.07
N PRO B 15 20.95 -1.03 -14.35
CA PRO B 15 20.59 -0.52 -15.67
C PRO B 15 21.72 -0.79 -16.64
N ASP B 16 21.44 -1.37 -17.80
CA ASP B 16 22.50 -1.65 -18.76
C ASP B 16 23.07 -0.37 -19.37
N GLU B 17 24.22 -0.52 -20.02
CA GLU B 17 24.93 0.62 -20.62
C GLU B 17 24.08 1.57 -21.48
N GLU B 18 23.11 1.03 -22.21
CA GLU B 18 22.23 1.84 -23.04
C GLU B 18 21.15 2.57 -22.25
N GLU B 19 20.65 1.95 -21.18
CA GLU B 19 19.62 2.60 -20.37
C GLU B 19 20.30 3.72 -19.58
N VAL B 20 21.58 3.54 -19.31
CA VAL B 20 22.34 4.56 -18.59
C VAL B 20 22.63 5.70 -19.55
N ARG B 21 23.25 5.36 -20.68
CA ARG B 21 23.59 6.34 -21.71
C ARG B 21 22.41 7.25 -22.04
N LYS B 22 21.26 6.61 -22.24
CA LYS B 22 20.03 7.30 -22.55
C LYS B 22 19.77 8.32 -21.48
N GLY B 23 20.06 7.93 -20.23
CA GLY B 23 19.84 8.80 -19.09
C GLY B 23 20.73 10.02 -19.09
N ARG B 24 22.03 9.78 -19.20
CA ARG B 24 23.05 10.84 -19.22
C ARG B 24 22.69 11.90 -20.25
N GLU B 25 22.56 11.47 -21.50
CA GLU B 25 22.23 12.37 -22.59
C GLU B 25 20.92 13.12 -22.42
N ALA B 26 20.02 12.57 -21.62
CA ALA B 26 18.74 13.22 -21.38
C ALA B 26 18.99 14.27 -20.31
N GLU B 27 19.86 13.92 -19.36
CA GLU B 27 20.21 14.84 -18.28
C GLU B 27 21.09 15.93 -18.86
N GLU B 28 21.89 15.54 -19.85
CA GLU B 28 22.79 16.47 -20.53
C GLU B 28 21.94 17.60 -21.11
N GLU B 29 21.02 17.22 -22.01
CA GLU B 29 20.13 18.18 -22.64
C GLU B 29 19.34 18.93 -21.58
N LEU B 30 18.66 18.17 -20.72
CA LEU B 30 17.86 18.78 -19.67
C LEU B 30 18.63 19.89 -18.95
N ARG B 31 19.94 19.69 -18.84
CA ARG B 31 20.84 20.65 -18.20
C ARG B 31 20.99 21.91 -19.05
N ARG B 32 21.31 21.72 -20.33
CA ARG B 32 21.49 22.85 -21.23
C ARG B 32 20.25 23.72 -21.21
N ARG B 33 19.12 23.13 -21.58
CA ARG B 33 17.85 23.85 -21.64
C ARG B 33 17.68 24.71 -20.38
N LEU B 34 17.76 24.06 -19.22
CA LEU B 34 17.60 24.75 -17.96
C LEU B 34 18.55 25.93 -17.72
N ASP B 35 19.75 25.85 -18.30
CA ASP B 35 20.74 26.92 -18.14
C ASP B 35 20.51 28.04 -19.15
N GLU B 36 20.07 27.67 -20.35
CA GLU B 36 19.78 28.63 -21.39
C GLU B 36 18.55 29.42 -20.95
N LEU B 37 18.31 29.42 -19.65
CA LEU B 37 17.19 30.13 -19.04
C LEU B 37 17.65 30.61 -17.67
N GLY B 38 18.87 30.19 -17.31
CA GLY B 38 19.45 30.59 -16.04
C GLY B 38 18.57 30.29 -14.83
N VAL B 39 17.95 29.12 -14.80
CA VAL B 39 17.10 28.76 -13.67
C VAL B 39 17.95 28.07 -12.59
N GLU B 40 17.61 28.31 -11.33
CA GLU B 40 18.35 27.68 -10.24
C GLU B 40 17.70 26.33 -9.92
N TYR B 41 18.41 25.24 -10.26
CA TYR B 41 17.87 23.91 -10.04
C TYR B 41 18.83 22.92 -9.37
N VAL B 42 18.32 21.71 -9.14
CA VAL B 42 19.09 20.63 -8.51
C VAL B 42 18.43 19.26 -8.70
N PHE B 43 19.15 18.34 -9.32
CA PHE B 43 18.65 16.98 -9.55
C PHE B 43 18.71 16.20 -8.25
N VAL B 44 17.61 15.54 -7.91
CA VAL B 44 17.54 14.75 -6.70
C VAL B 44 17.01 13.35 -7.03
N GLY B 45 16.79 12.54 -6.00
CA GLY B 45 16.25 11.21 -6.24
C GLY B 45 17.21 10.22 -6.86
N SER B 46 16.80 8.96 -6.85
CA SER B 46 17.59 7.85 -7.36
C SER B 46 18.34 8.04 -8.67
N TYR B 47 17.97 9.04 -9.48
CA TYR B 47 18.73 9.19 -10.71
C TYR B 47 20.02 9.90 -10.37
N ALA B 48 19.90 10.99 -9.61
CA ALA B 48 21.06 11.77 -9.23
C ALA B 48 22.06 11.03 -8.34
N ARG B 49 21.68 9.83 -7.88
CA ARG B 49 22.57 9.06 -7.02
C ARG B 49 22.83 7.66 -7.57
N ASN B 50 22.47 7.44 -8.82
CA ASN B 50 22.66 6.16 -9.47
C ASN B 50 22.14 5.01 -8.64
N THR B 51 21.05 5.25 -7.93
CA THR B 51 20.44 4.24 -7.08
C THR B 51 19.13 3.78 -7.71
N TRP B 52 18.90 4.21 -8.96
CA TRP B 52 17.66 3.86 -9.65
C TRP B 52 17.68 2.43 -10.18
N LEU B 53 16.55 1.76 -9.99
CA LEU B 53 16.42 0.38 -10.42
C LEU B 53 16.31 0.25 -11.92
N LYS B 54 16.86 -0.83 -12.46
CA LYS B 54 16.82 -1.08 -13.90
C LYS B 54 15.37 -0.99 -14.40
N GLY B 55 15.19 -0.30 -15.52
CA GLY B 55 13.86 -0.18 -16.08
C GLY B 55 13.04 0.95 -15.48
N SER B 56 13.50 1.54 -14.39
CA SER B 56 12.76 2.63 -13.76
C SER B 56 13.50 3.96 -13.88
N LEU B 57 13.89 4.30 -15.10
CA LEU B 57 14.61 5.56 -15.32
C LEU B 57 13.65 6.73 -15.34
N GLU B 58 13.89 7.69 -14.44
CA GLU B 58 13.08 8.89 -14.32
C GLU B 58 14.04 9.91 -13.71
N ILE B 59 13.89 11.18 -14.04
CA ILE B 59 14.76 12.23 -13.50
C ILE B 59 13.97 13.19 -12.64
N ASP B 60 14.55 13.68 -11.56
CA ASP B 60 13.84 14.62 -10.68
C ASP B 60 14.50 15.98 -10.52
N VAL B 61 14.13 16.91 -11.40
CA VAL B 61 14.66 18.26 -11.38
C VAL B 61 13.87 19.17 -10.43
N PHE B 62 14.46 19.48 -9.28
CA PHE B 62 13.80 20.36 -8.30
C PHE B 62 14.18 21.83 -8.49
N LEU B 63 13.17 22.70 -8.60
CA LEU B 63 13.40 24.11 -8.82
C LEU B 63 13.38 24.89 -7.51
N LEU B 64 14.52 25.49 -7.20
CA LEU B 64 14.68 26.26 -5.98
C LEU B 64 14.14 27.68 -6.11
N PHE B 65 13.33 28.09 -5.14
CA PHE B 65 12.72 29.42 -5.10
C PHE B 65 12.93 30.06 -3.74
N PRO B 66 13.14 31.37 -3.71
CA PRO B 66 13.34 32.10 -2.45
C PRO B 66 12.25 31.76 -1.42
N GLU B 67 12.57 31.93 -0.16
CA GLU B 67 11.59 31.65 0.89
C GLU B 67 10.38 32.55 0.73
N GLU B 68 10.63 33.86 0.64
CA GLU B 68 9.58 34.85 0.53
C GLU B 68 8.57 34.63 -0.59
N PHE B 69 8.95 33.90 -1.64
CA PHE B 69 8.01 33.66 -2.72
C PHE B 69 6.72 33.04 -2.21
N SER B 70 5.61 33.43 -2.83
CA SER B 70 4.30 32.93 -2.48
C SER B 70 4.14 31.53 -3.04
N LYS B 71 3.17 30.79 -2.53
CA LYS B 71 2.90 29.44 -3.01
C LYS B 71 2.57 29.46 -4.51
N GLU B 72 1.62 30.33 -4.85
CA GLU B 72 1.13 30.53 -6.22
C GLU B 72 2.27 30.83 -7.20
N GLU B 73 3.17 31.74 -6.82
CA GLU B 73 4.29 32.09 -7.70
C GLU B 73 5.07 30.85 -8.06
N LEU B 74 5.46 30.09 -7.03
CA LEU B 74 6.22 28.86 -7.22
C LEU B 74 5.67 28.02 -8.35
N ARG B 75 4.42 27.63 -8.24
CA ARG B 75 3.80 26.80 -9.27
C ARG B 75 3.66 27.45 -10.67
N GLU B 76 3.40 28.76 -10.71
CA GLU B 76 3.27 29.48 -11.98
C GLU B 76 4.59 29.49 -12.72
N ARG B 77 5.65 29.87 -12.00
CA ARG B 77 7.00 29.91 -12.57
C ARG B 77 7.46 28.49 -12.87
N GLY B 78 6.99 27.55 -12.05
CA GLY B 78 7.34 26.16 -12.22
C GLY B 78 6.67 25.62 -13.46
N LEU B 79 5.39 25.98 -13.63
CA LEU B 79 4.64 25.54 -14.79
C LEU B 79 5.28 26.06 -16.07
N GLU B 80 5.67 27.33 -16.03
CA GLU B 80 6.31 27.98 -17.17
C GLU B 80 7.64 27.31 -17.52
N ILE B 81 8.53 27.25 -16.53
CA ILE B 81 9.85 26.65 -16.73
C ILE B 81 9.74 25.24 -17.27
N GLY B 82 8.89 24.44 -16.63
CA GLY B 82 8.70 23.06 -17.05
C GLY B 82 8.23 23.00 -18.48
N LYS B 83 7.22 23.81 -18.80
CA LYS B 83 6.65 23.84 -20.14
C LYS B 83 7.71 24.15 -21.22
N ALA B 84 8.50 25.19 -20.98
CA ALA B 84 9.53 25.62 -21.93
C ALA B 84 10.65 24.59 -22.14
N VAL B 85 10.98 23.87 -21.09
CA VAL B 85 12.07 22.91 -21.18
C VAL B 85 11.72 21.50 -21.65
N LEU B 86 10.52 21.04 -21.30
CA LEU B 86 10.09 19.68 -21.68
C LEU B 86 9.60 19.56 -23.11
N ASP B 87 10.01 18.48 -23.77
CA ASP B 87 9.59 18.22 -25.14
C ASP B 87 8.07 18.24 -25.16
N SER B 88 7.50 17.42 -24.27
CA SER B 88 6.05 17.27 -24.12
C SER B 88 5.77 17.23 -22.63
N TYR B 89 4.89 18.10 -22.15
CA TYR B 89 4.60 18.13 -20.73
C TYR B 89 3.24 17.58 -20.31
N GLU B 90 2.96 17.70 -19.02
CA GLU B 90 1.72 17.25 -18.42
C GLU B 90 1.66 17.64 -16.95
N ILE B 91 0.84 18.64 -16.65
CA ILE B 91 0.66 19.13 -15.28
C ILE B 91 0.13 18.00 -14.40
N ARG B 92 0.96 17.54 -13.46
CA ARG B 92 0.57 16.47 -12.55
C ARG B 92 0.16 17.07 -11.21
N TYR B 93 -0.13 16.23 -10.22
CA TYR B 93 -0.52 16.76 -8.91
C TYR B 93 -0.07 15.96 -7.69
N ALA B 94 0.02 16.69 -6.58
CA ALA B 94 0.43 16.20 -5.26
C ALA B 94 0.03 17.28 -4.25
N GLU B 95 0.83 17.43 -3.18
CA GLU B 95 0.56 18.44 -2.16
C GLU B 95 0.29 19.75 -2.89
N HIS B 96 1.00 19.92 -4.00
CA HIS B 96 0.88 21.09 -4.85
C HIS B 96 1.13 20.56 -6.25
N PRO B 97 0.66 21.27 -7.27
CA PRO B 97 0.91 20.74 -8.62
C PRO B 97 2.37 20.83 -9.04
N TYR B 98 2.75 20.01 -10.02
CA TYR B 98 4.09 20.02 -10.57
C TYR B 98 3.97 19.59 -12.02
N VAL B 99 5.07 19.58 -12.76
CA VAL B 99 4.98 19.22 -14.17
C VAL B 99 5.76 17.97 -14.52
N HIS B 100 5.15 17.10 -15.31
CA HIS B 100 5.80 15.88 -15.73
C HIS B 100 5.96 15.88 -17.25
N GLY B 101 7.13 15.44 -17.72
CA GLY B 101 7.34 15.42 -19.16
C GLY B 101 8.37 14.42 -19.63
N VAL B 102 8.86 14.62 -20.85
CA VAL B 102 9.85 13.74 -21.44
C VAL B 102 10.92 14.57 -22.15
N VAL B 103 12.17 14.17 -22.01
CA VAL B 103 13.26 14.88 -22.66
C VAL B 103 14.23 13.85 -23.25
N LYS B 104 14.38 13.89 -24.57
CA LYS B 104 15.24 12.94 -25.26
C LYS B 104 14.86 11.53 -24.90
N GLY B 105 13.56 11.29 -24.78
CA GLY B 105 13.08 9.96 -24.47
C GLY B 105 12.86 9.56 -23.01
N VAL B 106 13.50 10.24 -22.05
CA VAL B 106 13.32 9.84 -20.66
C VAL B 106 12.32 10.69 -19.88
N GLU B 107 11.80 10.09 -18.82
CA GLU B 107 10.81 10.70 -17.93
C GLU B 107 11.42 11.79 -17.08
N VAL B 108 10.64 12.84 -16.82
CA VAL B 108 11.14 13.93 -16.01
C VAL B 108 10.05 14.51 -15.11
N ASP B 109 10.43 14.83 -13.88
CA ASP B 109 9.53 15.42 -12.90
C ASP B 109 10.14 16.77 -12.58
N VAL B 110 9.38 17.83 -12.83
CA VAL B 110 9.85 19.17 -12.56
C VAL B 110 9.07 19.75 -11.40
N VAL B 111 9.54 19.47 -10.19
CA VAL B 111 8.88 19.94 -8.98
C VAL B 111 9.36 21.30 -8.45
N PRO B 112 8.41 22.15 -8.06
CA PRO B 112 8.75 23.48 -7.54
C PRO B 112 8.90 23.40 -6.01
N CYS B 113 9.95 24.01 -5.47
CA CYS B 113 10.16 24.01 -4.02
C CYS B 113 10.93 25.24 -3.53
N TYR B 114 10.91 25.45 -2.22
CA TYR B 114 11.59 26.56 -1.56
C TYR B 114 13.05 26.26 -1.18
N LYS B 115 13.97 27.07 -1.69
CA LYS B 115 15.39 26.89 -1.35
C LYS B 115 15.44 27.22 0.14
N LEU B 116 15.82 26.25 0.97
CA LEU B 116 15.86 26.50 2.41
C LEU B 116 17.18 26.16 3.05
N LYS B 117 17.39 26.70 4.24
CA LYS B 117 18.61 26.40 4.99
C LYS B 117 18.19 25.83 6.35
N GLU B 118 18.66 24.63 6.64
CA GLU B 118 18.34 23.92 7.88
C GLU B 118 16.89 23.43 7.91
N PRO B 119 16.72 22.09 8.03
CA PRO B 119 15.49 21.29 8.07
C PRO B 119 14.20 21.96 8.52
N LYS B 120 14.28 22.81 9.54
CA LYS B 120 13.10 23.54 10.02
C LYS B 120 12.77 24.54 8.90
N ASN B 121 11.59 25.18 8.96
CA ASN B 121 11.14 26.13 7.93
C ASN B 121 10.45 25.31 6.85
N ILE B 122 10.72 24.00 6.89
CA ILE B 122 10.17 23.03 5.94
C ILE B 122 8.67 23.30 5.71
N LYS B 123 8.32 23.70 4.49
CA LYS B 123 6.92 24.02 4.20
C LYS B 123 6.10 22.90 3.53
N SER B 124 6.76 21.87 3.02
CA SER B 124 6.08 20.73 2.37
C SER B 124 7.00 19.53 2.22
N ALA B 125 6.43 18.33 2.18
CA ALA B 125 7.23 17.12 2.05
C ALA B 125 8.32 17.36 1.00
N VAL B 126 7.94 17.93 -0.14
CA VAL B 126 8.92 18.18 -1.20
C VAL B 126 10.10 19.07 -0.78
N ASP B 127 9.88 20.03 0.11
CA ASP B 127 10.99 20.89 0.57
C ASP B 127 12.07 20.05 1.23
N ARG B 128 11.62 18.98 1.88
CA ARG B 128 12.50 18.06 2.61
C ARG B 128 13.42 17.22 1.72
N THR B 129 12.96 16.94 0.50
CA THR B 129 13.74 16.12 -0.41
C THR B 129 15.15 16.66 -0.62
N PRO B 130 15.29 17.97 -0.90
CA PRO B 130 16.64 18.49 -1.10
C PRO B 130 17.61 18.11 0.02
N PHE B 131 17.16 18.24 1.28
CA PHE B 131 17.98 17.90 2.44
C PHE B 131 18.29 16.40 2.44
N HIS B 132 17.28 15.59 2.16
CA HIS B 132 17.46 14.15 2.10
C HIS B 132 18.53 13.83 1.08
N HIS B 133 18.61 14.61 0.03
CA HIS B 133 19.60 14.33 -0.98
C HIS B 133 21.01 14.71 -0.56
N LYS B 134 21.17 15.91 0.01
CA LYS B 134 22.49 16.35 0.44
C LYS B 134 23.07 15.43 1.49
N TRP B 135 22.19 14.88 2.34
CA TRP B 135 22.62 13.98 3.41
C TRP B 135 22.93 12.61 2.84
N LEU B 136 22.27 12.27 1.75
CA LEU B 136 22.44 10.96 1.15
C LEU B 136 23.52 10.82 0.08
N GLU B 137 23.82 11.89 -0.63
CA GLU B 137 24.81 11.81 -1.71
C GLU B 137 26.23 11.46 -1.31
N GLY B 138 26.72 12.01 -0.20
CA GLY B 138 28.07 11.70 0.21
C GLY B 138 28.25 10.34 0.85
N ARG B 139 27.22 9.84 1.52
CA ARG B 139 27.29 8.57 2.21
C ARG B 139 26.92 7.31 1.44
N ILE B 140 26.11 7.46 0.40
CA ILE B 140 25.69 6.29 -0.38
C ILE B 140 26.62 6.02 -1.55
N LYS B 141 27.56 6.93 -1.78
CA LYS B 141 28.50 6.79 -2.87
C LYS B 141 29.22 5.44 -2.70
N GLY B 142 29.36 4.72 -3.80
CA GLY B 142 30.05 3.44 -3.78
C GLY B 142 29.26 2.22 -3.32
N LYS B 143 27.96 2.38 -3.09
CA LYS B 143 27.13 1.25 -2.64
C LYS B 143 25.83 1.18 -3.42
N GLU B 144 25.68 2.06 -4.39
CA GLU B 144 24.49 2.12 -5.24
C GLU B 144 23.94 0.75 -5.63
N ASN B 145 24.83 -0.16 -6.02
CA ASN B 145 24.40 -1.49 -6.43
C ASN B 145 23.86 -2.32 -5.28
N GLU B 146 24.12 -1.85 -4.06
CA GLU B 146 23.61 -2.54 -2.91
C GLU B 146 22.19 -2.05 -2.77
N VAL B 147 22.00 -0.76 -2.98
CA VAL B 147 20.67 -0.18 -2.91
C VAL B 147 19.78 -0.85 -3.92
N ARG B 148 20.25 -0.94 -5.17
CA ARG B 148 19.52 -1.56 -6.25
C ARG B 148 19.13 -3.00 -5.92
N LEU B 149 20.08 -3.78 -5.43
CA LEU B 149 19.80 -5.17 -5.07
C LEU B 149 18.63 -5.21 -4.10
N LEU B 150 18.66 -4.32 -3.11
CA LEU B 150 17.62 -4.24 -2.09
C LEU B 150 16.26 -3.83 -2.63
N LYS B 151 16.23 -3.15 -3.76
CA LYS B 151 14.95 -2.73 -4.34
C LYS B 151 14.40 -3.85 -5.21
N GLY B 152 15.26 -4.41 -6.05
CA GLY B 152 14.83 -5.50 -6.92
C GLY B 152 14.31 -6.66 -6.10
N PHE B 153 14.85 -6.80 -4.91
CA PHE B 153 14.45 -7.85 -3.98
C PHE B 153 13.07 -7.50 -3.42
N LEU B 154 12.91 -6.26 -2.98
CA LEU B 154 11.64 -5.79 -2.42
C LEU B 154 10.58 -5.64 -3.52
N LYS B 155 11.00 -5.15 -4.67
CA LYS B 155 10.07 -4.96 -5.78
C LYS B 155 9.59 -6.32 -6.28
N ALA B 156 10.53 -7.24 -6.45
CA ALA B 156 10.20 -8.58 -6.93
C ALA B 156 9.16 -9.27 -6.06
N ASN B 157 9.20 -9.00 -4.76
CA ASN B 157 8.26 -9.63 -3.84
C ASN B 157 7.01 -8.83 -3.51
N GLY B 158 6.73 -7.81 -4.31
CA GLY B 158 5.52 -7.02 -4.13
C GLY B 158 5.45 -5.98 -3.03
N ILE B 159 6.58 -5.66 -2.43
CA ILE B 159 6.58 -4.68 -1.34
C ILE B 159 7.59 -3.55 -1.56
N TYR B 160 7.67 -3.02 -2.78
CA TYR B 160 8.63 -1.95 -3.03
C TYR B 160 8.09 -0.53 -2.98
N GLY B 161 6.79 -0.35 -3.12
CA GLY B 161 6.27 1.00 -3.06
C GLY B 161 5.96 1.50 -1.66
N ALA B 162 5.88 2.82 -1.52
CA ALA B 162 5.55 3.43 -0.24
C ALA B 162 4.14 4.00 -0.34
N GLU B 163 3.56 3.90 -1.53
CA GLU B 163 2.21 4.41 -1.77
C GLU B 163 1.19 3.42 -1.26
N TYR B 164 -0.02 3.92 -1.00
CA TYR B 164 -1.10 3.12 -0.47
C TYR B 164 -1.50 1.86 -1.22
N LYS B 165 -0.93 1.63 -2.40
CA LYS B 165 -1.27 0.40 -3.09
C LYS B 165 -0.25 -0.66 -2.74
N VAL B 166 0.81 -0.25 -2.05
CA VAL B 166 1.86 -1.16 -1.67
C VAL B 166 2.11 -1.19 -0.17
N ARG B 167 2.20 -0.02 0.45
CA ARG B 167 2.46 0.05 1.88
C ARG B 167 3.75 -0.73 2.20
N GLY B 168 4.78 -0.50 1.40
CA GLY B 168 6.03 -1.20 1.61
C GLY B 168 7.20 -0.30 1.92
N PHE B 169 8.35 -0.59 1.32
CA PHE B 169 9.56 0.18 1.54
C PHE B 169 9.72 1.27 0.51
N SER B 170 10.03 2.49 0.95
CA SER B 170 10.23 3.60 0.03
C SER B 170 11.70 3.59 -0.38
N GLY B 171 11.97 3.99 -1.62
CA GLY B 171 13.35 4.02 -2.09
C GLY B 171 14.28 4.72 -1.12
N TYR B 172 13.77 5.74 -0.44
CA TYR B 172 14.58 6.50 0.52
C TYR B 172 14.95 5.58 1.68
N LEU B 173 13.96 4.87 2.19
CA LEU B 173 14.18 3.95 3.29
C LEU B 173 15.25 2.96 2.86
N CYS B 174 15.21 2.58 1.60
CA CYS B 174 16.16 1.63 1.05
C CYS B 174 17.60 2.07 1.14
N GLU B 175 17.87 3.32 0.79
CA GLU B 175 19.22 3.80 0.86
C GLU B 175 19.64 4.00 2.30
N LEU B 176 18.74 4.54 3.12
CA LEU B 176 19.06 4.72 4.52
C LEU B 176 19.46 3.38 5.11
N LEU B 177 18.76 2.32 4.73
CA LEU B 177 19.07 0.98 5.25
C LEU B 177 20.46 0.52 4.81
N ILE B 178 20.79 0.71 3.54
CA ILE B 178 22.08 0.31 3.02
C ILE B 178 23.16 1.13 3.70
N VAL B 179 22.90 2.41 3.89
CA VAL B 179 23.87 3.28 4.55
C VAL B 179 24.10 2.83 5.99
N PHE B 180 23.13 2.15 6.57
CA PHE B 180 23.22 1.70 7.95
C PHE B 180 23.89 0.35 8.14
N TYR B 181 23.50 -0.62 7.32
CA TYR B 181 24.06 -1.97 7.41
C TYR B 181 25.27 -2.18 6.52
N GLY B 182 25.43 -1.30 5.54
CA GLY B 182 26.57 -1.36 4.64
C GLY B 182 26.38 -2.03 3.31
N SER B 183 25.40 -2.94 3.22
CA SER B 183 25.18 -3.65 1.97
C SER B 183 23.86 -4.40 2.03
N PHE B 184 23.45 -4.93 0.88
CA PHE B 184 22.21 -5.68 0.78
C PHE B 184 22.22 -6.81 1.80
N LEU B 185 23.14 -7.77 1.60
CA LEU B 185 23.27 -8.93 2.48
C LEU B 185 23.22 -8.59 3.98
N GLU B 186 24.04 -7.63 4.43
CA GLU B 186 24.03 -7.26 5.82
C GLU B 186 22.66 -6.79 6.28
N THR B 187 21.93 -6.18 5.35
CA THR B 187 20.60 -5.69 5.66
C THR B 187 19.68 -6.88 5.79
N VAL B 188 19.80 -7.81 4.85
CA VAL B 188 18.99 -9.02 4.86
C VAL B 188 19.25 -9.80 6.16
N LYS B 189 20.51 -10.05 6.46
CA LYS B 189 20.88 -10.77 7.67
C LYS B 189 20.27 -10.17 8.94
N ASN B 190 20.47 -8.88 9.16
CA ASN B 190 19.96 -8.21 10.34
C ASN B 190 18.45 -8.08 10.43
N ALA B 191 17.81 -7.88 9.28
CA ALA B 191 16.37 -7.72 9.23
C ALA B 191 15.64 -8.90 9.89
N ARG B 192 16.28 -10.07 9.86
CA ARG B 192 15.69 -11.27 10.45
C ARG B 192 15.41 -11.12 11.94
N ARG B 193 16.15 -10.23 12.60
CA ARG B 193 15.98 -10.00 14.02
C ARG B 193 15.01 -8.86 14.27
N TRP B 194 14.57 -8.20 13.21
CA TRP B 194 13.63 -7.09 13.36
C TRP B 194 12.32 -7.56 13.99
N THR B 195 11.72 -6.70 14.80
CA THR B 195 10.45 -7.01 15.45
C THR B 195 9.55 -5.82 15.18
N ARG B 196 8.31 -5.88 15.66
CA ARG B 196 7.40 -4.76 15.43
C ARG B 196 7.71 -3.58 16.34
N ARG B 197 8.70 -3.75 17.21
CA ARG B 197 9.10 -2.69 18.13
C ARG B 197 10.50 -2.16 17.82
N THR B 198 11.09 -2.65 16.74
CA THR B 198 12.44 -2.23 16.35
C THR B 198 12.51 -0.80 15.81
N VAL B 199 13.52 -0.07 16.28
CA VAL B 199 13.74 1.32 15.88
C VAL B 199 15.18 1.45 15.36
N ILE B 200 15.34 2.11 14.22
CA ILE B 200 16.65 2.29 13.60
C ILE B 200 17.01 3.78 13.42
N ASP B 201 17.91 4.27 14.27
CA ASP B 201 18.33 5.66 14.22
C ASP B 201 19.61 5.77 13.39
N VAL B 202 19.45 6.00 12.09
CA VAL B 202 20.59 6.11 11.19
C VAL B 202 21.63 7.11 11.66
N ALA B 203 21.17 8.25 12.14
CA ALA B 203 22.07 9.30 12.60
C ALA B 203 22.87 8.89 13.82
N LYS B 204 22.31 7.97 14.61
CA LYS B 204 22.98 7.50 15.81
C LYS B 204 23.60 6.12 15.65
N GLY B 205 23.57 5.58 14.43
CA GLY B 205 24.14 4.26 14.18
C GLY B 205 23.70 3.27 15.25
N GLU B 206 22.57 3.58 15.86
CA GLU B 206 22.01 2.77 16.94
C GLU B 206 20.69 2.10 16.61
N VAL B 207 20.39 1.01 17.31
CA VAL B 207 19.14 0.27 17.13
C VAL B 207 18.53 0.14 18.51
N ARG B 208 17.24 0.44 18.62
CA ARG B 208 16.61 0.33 19.91
C ARG B 208 15.16 -0.17 19.83
N LYS B 209 14.61 -0.46 21.00
CA LYS B 209 13.25 -0.95 21.12
C LYS B 209 12.38 0.30 21.24
N GLY B 210 11.28 0.34 20.49
CA GLY B 210 10.38 1.47 20.54
C GLY B 210 8.96 0.96 20.74
N GLU B 211 7.98 1.68 20.24
CA GLU B 211 6.61 1.23 20.37
C GLU B 211 6.07 0.77 19.02
N GLU B 212 6.87 0.98 17.98
CA GLU B 212 6.49 0.62 16.61
C GLU B 212 7.74 0.67 15.73
N PHE B 213 7.72 -0.08 14.63
CA PHE B 213 8.86 -0.08 13.72
C PHE B 213 9.08 1.37 13.32
N PHE B 214 10.24 1.92 13.69
CA PHE B 214 10.53 3.31 13.41
C PHE B 214 11.96 3.47 12.88
N VAL B 215 12.09 4.05 11.70
CA VAL B 215 13.40 4.30 11.11
C VAL B 215 13.49 5.82 11.08
N VAL B 216 14.04 6.40 12.13
CA VAL B 216 14.13 7.86 12.21
C VAL B 216 14.98 8.51 11.13
N ASP B 217 14.32 9.43 10.44
CA ASP B 217 14.88 10.21 9.35
C ASP B 217 16.10 11.02 9.81
N PRO B 218 17.24 10.88 9.11
CA PRO B 218 18.45 11.62 9.49
C PRO B 218 18.21 13.12 9.53
N VAL B 219 17.38 13.58 8.58
CA VAL B 219 17.07 14.98 8.45
C VAL B 219 16.08 15.50 9.48
N ASP B 220 15.16 14.65 9.94
CA ASP B 220 14.17 15.05 10.94
C ASP B 220 13.94 13.91 11.93
N GLU B 221 14.52 14.04 13.13
CA GLU B 221 14.40 13.00 14.15
C GLU B 221 12.98 12.64 14.57
N LYS B 222 12.00 13.42 14.14
CA LYS B 222 10.61 13.15 14.49
C LYS B 222 9.89 12.33 13.41
N ARG B 223 10.41 12.41 12.20
CA ARG B 223 9.84 11.74 11.04
C ARG B 223 10.24 10.25 10.90
N ASN B 224 9.24 9.41 10.73
CA ASN B 224 9.46 7.98 10.56
C ASN B 224 9.55 7.75 9.06
N VAL B 225 10.72 7.34 8.59
CA VAL B 225 10.90 7.09 7.16
C VAL B 225 10.05 5.92 6.69
N ALA B 226 9.94 4.89 7.54
CA ALA B 226 9.14 3.71 7.21
C ALA B 226 7.71 3.83 7.76
N ALA B 227 7.23 5.06 7.89
CA ALA B 227 5.91 5.33 8.42
C ALA B 227 4.79 4.51 7.80
N ASN B 228 4.68 4.51 6.49
CA ASN B 228 3.61 3.79 5.82
C ASN B 228 3.95 2.35 5.43
N LEU B 229 4.75 1.68 6.25
CA LEU B 229 5.10 0.29 6.00
C LEU B 229 4.14 -0.53 6.83
N SER B 230 3.35 -1.38 6.17
CA SER B 230 2.36 -2.15 6.90
C SER B 230 2.94 -3.24 7.77
N LEU B 231 2.35 -3.42 8.95
CA LEU B 231 2.81 -4.43 9.89
C LEU B 231 2.94 -5.80 9.25
N ASP B 232 2.13 -6.06 8.22
CA ASP B 232 2.20 -7.36 7.58
C ASP B 232 3.30 -7.40 6.55
N ASN B 233 3.55 -6.26 5.90
CA ASN B 233 4.61 -6.18 4.92
C ASN B 233 5.97 -6.30 5.61
N LEU B 234 6.05 -5.78 6.83
CA LEU B 234 7.27 -5.87 7.61
C LEU B 234 7.48 -7.34 7.95
N ALA B 235 6.40 -7.98 8.35
CA ALA B 235 6.46 -9.39 8.69
C ALA B 235 6.91 -10.22 7.49
N ARG B 236 6.35 -9.90 6.33
CA ARG B 236 6.70 -10.62 5.10
C ARG B 236 8.15 -10.44 4.68
N PHE B 237 8.75 -9.31 5.04
CA PHE B 237 10.14 -9.04 4.70
C PHE B 237 11.04 -9.79 5.67
N VAL B 238 10.70 -9.71 6.95
CA VAL B 238 11.49 -10.39 7.97
C VAL B 238 11.56 -11.88 7.63
N HIS B 239 10.43 -12.43 7.17
CA HIS B 239 10.40 -13.83 6.80
C HIS B 239 11.19 -14.06 5.52
N LEU B 240 10.96 -13.19 4.55
CA LEU B 240 11.64 -13.29 3.26
C LEU B 240 13.15 -13.25 3.40
N CYS B 241 13.63 -12.55 4.42
CA CYS B 241 15.07 -12.47 4.64
C CYS B 241 15.54 -13.76 5.26
N ARG B 242 14.75 -14.26 6.21
CA ARG B 242 15.09 -15.51 6.88
C ARG B 242 15.20 -16.68 5.91
N GLU B 243 14.35 -16.68 4.89
CA GLU B 243 14.35 -17.74 3.89
C GLU B 243 15.48 -17.56 2.89
N PHE B 244 15.72 -16.31 2.50
CA PHE B 244 16.78 -16.08 1.53
C PHE B 244 18.09 -16.58 2.09
N MET B 245 18.38 -16.20 3.32
CA MET B 245 19.61 -16.63 3.95
C MET B 245 19.64 -18.14 4.14
N GLU B 246 18.47 -18.76 4.26
CA GLU B 246 18.43 -20.20 4.44
C GLU B 246 18.68 -20.90 3.13
N ALA B 247 18.10 -20.36 2.06
CA ALA B 247 18.26 -20.92 0.72
C ALA B 247 18.37 -19.80 -0.32
N PRO B 248 19.57 -19.23 -0.48
CA PRO B 248 19.75 -18.16 -1.46
C PRO B 248 19.27 -18.66 -2.81
N SER B 249 18.73 -17.77 -3.62
CA SER B 249 18.23 -18.16 -4.94
C SER B 249 17.94 -16.93 -5.77
N LEU B 250 18.27 -16.99 -7.05
CA LEU B 250 18.02 -15.86 -7.93
C LEU B 250 16.52 -15.63 -8.11
N GLY B 251 15.71 -16.56 -7.65
CA GLY B 251 14.26 -16.41 -7.79
C GLY B 251 13.65 -15.30 -6.96
N PHE B 252 14.39 -14.86 -5.94
CA PHE B 252 13.92 -13.80 -5.07
C PHE B 252 13.94 -12.45 -5.77
N PHE B 253 14.69 -12.33 -6.84
CA PHE B 253 14.76 -11.06 -7.54
C PHE B 253 13.88 -11.08 -8.80
N LYS B 254 13.38 -12.27 -9.15
CA LYS B 254 12.54 -12.45 -10.31
C LYS B 254 11.08 -12.32 -9.98
N PRO B 255 10.41 -11.32 -10.56
CA PRO B 255 8.99 -11.09 -10.30
C PRO B 255 8.25 -12.40 -10.49
N LYS B 256 7.53 -12.82 -9.45
CA LYS B 256 6.78 -14.06 -9.48
C LYS B 256 5.81 -14.09 -10.66
N HIS B 257 5.59 -15.28 -11.23
CA HIS B 257 4.69 -15.45 -12.37
C HIS B 257 3.22 -15.31 -12.00
N PRO B 258 2.42 -14.67 -12.88
CA PRO B 258 0.97 -14.45 -12.68
C PRO B 258 0.22 -15.71 -12.26
N LEU B 259 0.56 -16.84 -12.90
CA LEU B 259 -0.04 -18.14 -12.63
C LEU B 259 -1.57 -18.13 -12.64
N GLU B 260 -2.14 -18.09 -13.85
CA GLU B 260 -3.60 -18.09 -14.03
C GLU B 260 -4.16 -19.44 -13.58
N ILE B 261 -5.47 -19.48 -13.35
CA ILE B 261 -6.13 -20.70 -12.92
C ILE B 261 -7.40 -20.86 -13.74
N GLU B 262 -7.80 -22.09 -14.04
CA GLU B 262 -9.03 -22.26 -14.80
C GLU B 262 -10.16 -22.07 -13.80
N PRO B 263 -11.16 -21.25 -14.17
CA PRO B 263 -12.28 -21.03 -13.25
C PRO B 263 -12.86 -22.33 -12.71
N GLU B 264 -12.86 -23.37 -13.53
CA GLU B 264 -13.41 -24.65 -13.11
C GLU B 264 -12.76 -25.18 -11.82
N ARG B 265 -11.43 -25.18 -11.79
CA ARG B 265 -10.70 -25.67 -10.63
C ARG B 265 -11.03 -24.81 -9.42
N LEU B 266 -11.28 -23.53 -9.65
CA LEU B 266 -11.60 -22.65 -8.53
C LEU B 266 -12.91 -23.10 -7.93
N ARG B 267 -13.88 -23.41 -8.79
CA ARG B 267 -15.18 -23.87 -8.34
C ARG B 267 -15.00 -25.07 -7.43
N LYS B 268 -14.31 -26.09 -7.95
CA LYS B 268 -14.06 -27.31 -7.19
C LYS B 268 -13.55 -27.02 -5.79
N ILE B 269 -12.50 -26.20 -5.70
CA ILE B 269 -11.91 -25.87 -4.42
C ILE B 269 -12.87 -25.25 -3.43
N VAL B 270 -13.63 -24.24 -3.85
CA VAL B 270 -14.60 -23.59 -2.96
C VAL B 270 -15.59 -24.62 -2.45
N GLU B 271 -15.79 -25.65 -3.26
CA GLU B 271 -16.71 -26.71 -2.89
C GLU B 271 -16.01 -27.54 -1.82
N GLU B 272 -14.74 -27.85 -2.09
CA GLU B 272 -13.92 -28.62 -1.17
C GLU B 272 -13.88 -27.90 0.20
N ARG B 273 -14.02 -26.58 0.16
CA ARG B 273 -14.03 -25.74 1.36
C ARG B 273 -15.43 -25.62 1.93
N GLY B 274 -16.42 -25.68 1.04
CA GLY B 274 -17.80 -25.57 1.46
C GLY B 274 -18.08 -24.27 2.19
N THR B 275 -17.48 -23.18 1.71
CA THR B 275 -17.66 -21.85 2.31
C THR B 275 -18.52 -20.94 1.44
N ALA B 276 -18.85 -19.77 1.96
CA ALA B 276 -19.64 -18.80 1.21
C ALA B 276 -18.66 -17.82 0.58
N VAL B 277 -18.58 -17.80 -0.75
CA VAL B 277 -17.66 -16.89 -1.44
C VAL B 277 -18.47 -15.94 -2.30
N PHE B 278 -18.43 -14.65 -1.96
CA PHE B 278 -19.19 -13.68 -2.73
C PHE B 278 -18.41 -12.39 -2.91
N ALA B 279 -18.93 -11.55 -3.80
CA ALA B 279 -18.27 -10.29 -4.08
C ALA B 279 -19.25 -9.15 -4.07
N VAL B 280 -18.75 -7.95 -3.81
CA VAL B 280 -19.57 -6.74 -3.81
C VAL B 280 -18.98 -5.89 -4.92
N LYS B 281 -19.71 -5.82 -6.03
CA LYS B 281 -19.27 -5.06 -7.19
C LYS B 281 -19.97 -3.74 -7.33
N PHE B 282 -19.21 -2.71 -7.65
CA PHE B 282 -19.73 -1.36 -7.82
C PHE B 282 -18.76 -0.66 -8.75
N ARG B 283 -19.20 0.44 -9.38
CA ARG B 283 -18.33 1.17 -10.31
C ARG B 283 -17.14 1.82 -9.62
N LYS B 284 -15.97 1.73 -10.25
CA LYS B 284 -14.76 2.31 -9.69
C LYS B 284 -14.78 3.83 -9.69
N PRO B 285 -14.79 4.44 -8.50
CA PRO B 285 -14.80 5.90 -8.49
C PRO B 285 -13.59 6.36 -9.29
N ASP B 286 -13.72 7.47 -10.02
CA ASP B 286 -12.59 7.98 -10.79
C ASP B 286 -11.74 8.85 -9.89
N ILE B 287 -10.78 8.22 -9.21
CA ILE B 287 -9.89 8.91 -8.31
C ILE B 287 -8.54 8.21 -8.33
N VAL B 288 -7.50 8.96 -7.97
CA VAL B 288 -6.15 8.41 -7.94
C VAL B 288 -6.14 7.21 -7.00
N ASP B 289 -5.18 6.31 -7.20
CA ASP B 289 -5.09 5.14 -6.37
C ASP B 289 -4.77 5.44 -4.91
N ASP B 290 -4.14 6.58 -4.64
CA ASP B 290 -3.80 6.93 -3.27
C ASP B 290 -5.00 7.25 -2.41
N ASN B 291 -6.15 7.41 -3.04
CA ASN B 291 -7.37 7.72 -2.30
C ASN B 291 -8.30 6.52 -2.38
N LEU B 292 -8.23 5.81 -3.51
CA LEU B 292 -9.08 4.64 -3.77
C LEU B 292 -8.83 3.43 -2.89
N TYR B 293 -7.57 2.99 -2.81
CA TYR B 293 -7.25 1.82 -2.01
C TYR B 293 -7.42 2.00 -0.51
N PRO B 294 -7.08 3.17 0.05
CA PRO B 294 -7.27 3.27 1.49
C PRO B 294 -8.76 3.14 1.80
N GLN B 295 -9.57 3.45 0.77
CA GLN B 295 -11.02 3.37 0.88
C GLN B 295 -11.45 1.94 0.71
N LEU B 296 -10.93 1.29 -0.33
CA LEU B 296 -11.25 -0.11 -0.56
C LEU B 296 -11.00 -0.94 0.69
N GLU B 297 -9.95 -0.60 1.45
CA GLU B 297 -9.61 -1.33 2.67
C GLU B 297 -10.66 -1.09 3.73
N ARG B 298 -10.98 0.18 3.93
CA ARG B 298 -11.98 0.54 4.91
C ARG B 298 -13.28 -0.17 4.61
N ALA B 299 -13.78 0.03 3.40
CA ALA B 299 -15.03 -0.59 2.99
C ALA B 299 -14.97 -2.09 3.25
N SER B 300 -13.91 -2.73 2.76
CA SER B 300 -13.73 -4.15 2.93
C SER B 300 -13.69 -4.53 4.41
N ARG B 301 -13.12 -3.64 5.23
CA ARG B 301 -13.02 -3.89 6.66
C ARG B 301 -14.36 -3.72 7.36
N LYS B 302 -15.08 -2.68 6.99
CA LYS B 302 -16.37 -2.41 7.61
C LYS B 302 -17.35 -3.56 7.38
N ILE B 303 -17.24 -4.21 6.23
CA ILE B 303 -18.12 -5.32 5.90
C ILE B 303 -17.70 -6.61 6.57
N PHE B 304 -16.40 -6.79 6.74
CA PHE B 304 -15.86 -7.96 7.40
C PHE B 304 -16.37 -7.92 8.83
N GLU B 305 -16.27 -6.74 9.43
CA GLU B 305 -16.71 -6.53 10.80
C GLU B 305 -18.21 -6.72 10.94
N PHE B 306 -18.96 -6.43 9.90
CA PHE B 306 -20.40 -6.62 9.93
C PHE B 306 -20.63 -8.13 9.92
N LEU B 307 -19.93 -8.82 9.02
CA LEU B 307 -20.07 -10.25 8.90
C LEU B 307 -19.72 -11.03 10.16
N GLU B 308 -18.71 -10.60 10.92
CA GLU B 308 -18.40 -11.37 12.12
C GLU B 308 -19.30 -11.04 13.31
N ARG B 309 -19.68 -9.79 13.48
CA ARG B 309 -20.55 -9.54 14.60
C ARG B 309 -21.91 -10.14 14.27
N GLU B 310 -22.08 -10.52 13.01
CA GLU B 310 -23.35 -11.08 12.60
C GLU B 310 -23.30 -12.60 12.58
N ASN B 311 -22.24 -13.15 13.14
CA ASN B 311 -22.06 -14.60 13.23
C ASN B 311 -21.96 -15.38 11.94
N PHE B 312 -21.32 -14.81 10.92
CA PHE B 312 -21.16 -15.55 9.68
C PHE B 312 -19.75 -16.12 9.60
N MET B 313 -18.94 -15.82 10.61
CA MET B 313 -17.59 -16.31 10.69
C MET B 313 -16.76 -16.09 9.45
N PRO B 314 -16.35 -14.84 9.19
CA PRO B 314 -15.55 -14.52 8.01
C PRO B 314 -14.15 -15.10 8.17
N LEU B 315 -13.54 -15.50 7.06
CA LEU B 315 -12.20 -16.03 7.10
C LEU B 315 -11.27 -14.90 6.72
N ARG B 316 -11.32 -14.49 5.45
CA ARG B 316 -10.50 -13.37 4.99
C ARG B 316 -11.22 -12.49 3.99
N SER B 317 -10.82 -11.22 3.94
CA SER B 317 -11.40 -10.28 2.99
C SER B 317 -10.32 -9.93 1.97
N ALA B 318 -10.71 -9.28 0.89
CA ALA B 318 -9.78 -8.89 -0.17
C ALA B 318 -10.49 -7.94 -1.10
N PHE B 319 -9.75 -7.35 -2.03
CA PHE B 319 -10.33 -6.42 -2.98
C PHE B 319 -9.48 -6.24 -4.24
N LYS B 320 -10.15 -5.98 -5.36
CA LYS B 320 -9.49 -5.80 -6.64
C LYS B 320 -10.08 -4.57 -7.34
N ALA B 321 -9.26 -3.88 -8.13
CA ALA B 321 -9.74 -2.69 -8.83
C ALA B 321 -9.43 -2.78 -10.32
N SER B 322 -10.33 -2.23 -11.13
CA SER B 322 -10.18 -2.23 -12.60
C SER B 322 -10.46 -0.86 -13.21
N GLU B 323 -10.28 -0.77 -14.52
CA GLU B 323 -10.55 0.47 -15.24
C GLU B 323 -12.05 0.63 -15.13
N GLU B 324 -12.71 -0.52 -15.15
CA GLU B 324 -14.15 -0.60 -15.07
C GLU B 324 -14.72 -0.58 -13.66
N PHE B 325 -14.63 -1.72 -12.95
CA PHE B 325 -15.19 -1.84 -11.60
C PHE B 325 -14.25 -2.22 -10.48
N CYS B 326 -14.81 -2.25 -9.26
CA CYS B 326 -14.11 -2.60 -8.02
C CYS B 326 -14.84 -3.79 -7.41
N TYR B 327 -14.11 -4.67 -6.72
CA TYR B 327 -14.74 -5.83 -6.10
C TYR B 327 -14.30 -6.03 -4.67
N LEU B 328 -15.24 -6.26 -3.78
CA LEU B 328 -14.91 -6.54 -2.40
C LEU B 328 -15.16 -8.04 -2.32
N LEU B 329 -14.12 -8.80 -1.99
CA LEU B 329 -14.25 -10.25 -1.92
C LEU B 329 -14.26 -10.77 -0.50
N PHE B 330 -15.17 -11.71 -0.23
CA PHE B 330 -15.28 -12.30 1.09
C PHE B 330 -15.49 -13.80 1.02
N GLU B 331 -15.08 -14.48 2.10
CA GLU B 331 -15.26 -15.92 2.23
C GLU B 331 -15.70 -16.12 3.67
N CYS B 332 -16.71 -16.95 3.88
CA CYS B 332 -17.23 -17.20 5.22
C CYS B 332 -17.41 -18.68 5.50
N GLN B 333 -17.47 -19.04 6.77
CA GLN B 333 -17.66 -20.44 7.16
C GLN B 333 -19.15 -20.80 7.20
N ILE B 334 -20.00 -19.77 7.27
CA ILE B 334 -21.44 -19.97 7.35
C ILE B 334 -22.19 -19.57 6.09
N LYS B 335 -22.72 -20.54 5.35
CA LYS B 335 -23.47 -20.21 4.13
C LYS B 335 -24.88 -19.78 4.54
N GLU B 336 -25.34 -20.30 5.68
CA GLU B 336 -26.65 -20.00 6.20
C GLU B 336 -26.68 -20.24 7.70
N ILE B 337 -27.56 -19.54 8.40
CA ILE B 337 -27.68 -19.67 9.84
C ILE B 337 -29.17 -19.69 10.19
N SER B 338 -29.51 -20.18 11.38
CA SER B 338 -30.92 -20.25 11.75
C SER B 338 -31.51 -18.85 11.87
N ARG B 339 -32.83 -18.79 11.91
CA ARG B 339 -33.53 -17.54 12.03
C ARG B 339 -33.45 -17.13 13.49
N VAL B 340 -33.76 -18.07 14.37
CA VAL B 340 -33.71 -17.80 15.80
C VAL B 340 -32.29 -17.72 16.33
N PHE B 341 -32.11 -16.83 17.30
CA PHE B 341 -30.83 -16.63 17.96
C PHE B 341 -31.22 -16.21 19.38
N ARG B 342 -30.31 -16.36 20.33
CA ARG B 342 -30.62 -16.02 21.71
C ARG B 342 -30.14 -14.65 22.17
N ARG B 343 -31.09 -13.88 22.72
CA ARG B 343 -30.83 -12.54 23.22
C ARG B 343 -30.72 -12.59 24.75
N MET B 344 -29.66 -11.98 25.29
CA MET B 344 -29.42 -11.98 26.74
C MET B 344 -30.20 -10.92 27.48
N GLY B 345 -30.99 -11.36 28.46
CA GLY B 345 -31.80 -10.46 29.25
C GLY B 345 -31.23 -10.22 30.64
N PRO B 346 -31.91 -9.40 31.47
CA PRO B 346 -31.47 -9.10 32.84
C PRO B 346 -31.40 -10.29 33.79
N GLN B 347 -30.82 -10.09 34.97
CA GLN B 347 -30.75 -11.17 35.95
C GLN B 347 -32.12 -11.31 36.61
N PHE B 348 -32.44 -12.49 37.11
CA PHE B 348 -33.77 -12.71 37.69
C PHE B 348 -34.21 -11.75 38.81
N GLU B 349 -33.29 -11.26 39.62
CA GLU B 349 -33.69 -10.36 40.70
C GLU B 349 -33.90 -8.90 40.36
N ASP B 350 -33.57 -8.50 39.14
CA ASP B 350 -33.75 -7.11 38.74
C ASP B 350 -35.18 -6.91 38.23
N GLU B 351 -36.14 -7.00 39.15
CA GLU B 351 -37.56 -6.86 38.84
C GLU B 351 -37.91 -5.80 37.81
N ARG B 352 -37.26 -4.64 37.89
CA ARG B 352 -37.54 -3.56 36.96
C ARG B 352 -37.27 -3.95 35.49
N ASN B 353 -36.01 -4.18 35.19
CA ASN B 353 -35.61 -4.56 33.84
C ASN B 353 -36.24 -5.85 33.38
N VAL B 354 -36.37 -6.80 34.29
CA VAL B 354 -36.98 -8.08 33.94
C VAL B 354 -38.35 -7.80 33.33
N LYS B 355 -39.17 -7.03 34.05
CA LYS B 355 -40.49 -6.72 33.55
C LYS B 355 -40.37 -6.15 32.14
N LYS B 356 -39.55 -5.13 31.96
CA LYS B 356 -39.39 -4.54 30.64
C LYS B 356 -39.03 -5.62 29.60
N PHE B 357 -37.95 -6.35 29.84
CA PHE B 357 -37.53 -7.40 28.92
C PHE B 357 -38.70 -8.31 28.58
N LEU B 358 -39.51 -8.65 29.57
CA LEU B 358 -40.64 -9.52 29.32
C LEU B 358 -41.81 -8.79 28.67
N SER B 359 -41.78 -7.46 28.66
CA SER B 359 -42.87 -6.66 28.09
C SER B 359 -42.92 -6.64 26.56
N ARG B 360 -41.86 -7.12 25.93
CA ARG B 360 -41.79 -7.18 24.46
C ARG B 360 -42.61 -8.37 23.98
N ASN B 361 -43.32 -8.19 22.88
CA ASN B 361 -44.13 -9.28 22.36
C ASN B 361 -43.34 -10.06 21.34
N ARG B 362 -42.68 -11.12 21.80
CA ARG B 362 -41.89 -11.96 20.90
C ARG B 362 -42.74 -13.17 20.54
N ALA B 363 -42.21 -14.00 19.65
CA ALA B 363 -42.93 -15.18 19.20
C ALA B 363 -42.65 -16.45 19.98
N PHE B 364 -41.55 -16.49 20.72
CA PHE B 364 -41.23 -17.72 21.42
C PHE B 364 -41.19 -17.84 22.94
N ARG B 365 -41.64 -16.84 23.69
CA ARG B 365 -41.65 -16.99 25.15
C ARG B 365 -40.25 -17.20 25.75
N PRO B 366 -39.67 -16.14 26.35
CA PRO B 366 -38.34 -16.18 26.98
C PRO B 366 -38.22 -17.18 28.12
N PHE B 367 -36.98 -17.50 28.49
CA PHE B 367 -36.71 -18.46 29.55
C PHE B 367 -35.56 -18.01 30.44
N ILE B 368 -35.41 -18.70 31.57
CA ILE B 368 -34.36 -18.45 32.57
C ILE B 368 -33.26 -19.49 32.47
N GLU B 369 -32.02 -19.01 32.45
CA GLU B 369 -30.87 -19.90 32.37
C GLU B 369 -29.74 -19.36 33.22
N ASN B 370 -29.28 -20.16 34.16
CA ASN B 370 -28.20 -19.77 35.05
C ASN B 370 -28.35 -18.37 35.62
N GLY B 371 -29.45 -18.15 36.34
CA GLY B 371 -29.67 -16.87 36.97
C GLY B 371 -30.24 -15.72 36.16
N ARG B 372 -30.06 -15.71 34.84
CA ARG B 372 -30.62 -14.61 34.08
C ARG B 372 -31.60 -15.02 33.00
N TRP B 373 -32.41 -14.05 32.56
CA TRP B 373 -33.41 -14.27 31.53
C TRP B 373 -32.86 -14.25 30.11
N TRP B 374 -33.50 -15.03 29.24
CA TRP B 374 -33.08 -15.08 27.85
C TRP B 374 -34.30 -15.10 26.95
N ALA B 375 -34.09 -14.76 25.68
CA ALA B 375 -35.17 -14.74 24.71
C ALA B 375 -34.72 -15.23 23.34
N PHE B 376 -35.66 -15.81 22.61
CA PHE B 376 -35.38 -16.29 21.27
C PHE B 376 -35.91 -15.21 20.36
N GLU B 377 -35.03 -14.65 19.54
CA GLU B 377 -35.41 -13.60 18.60
C GLU B 377 -35.18 -14.16 17.20
N MET B 378 -35.75 -13.50 16.20
CA MET B 378 -35.60 -13.93 14.81
C MET B 378 -34.64 -12.99 14.09
N ARG B 379 -33.87 -13.50 13.14
CA ARG B 379 -32.93 -12.67 12.40
C ARG B 379 -33.61 -12.04 11.20
N LYS B 380 -33.04 -10.93 10.73
CA LYS B 380 -33.57 -10.23 9.57
C LYS B 380 -33.10 -10.92 8.28
N PHE B 381 -31.93 -11.56 8.35
CA PHE B 381 -31.36 -12.29 7.21
C PHE B 381 -30.70 -13.56 7.73
N THR B 382 -30.43 -14.51 6.82
CA THR B 382 -29.83 -15.77 7.26
C THR B 382 -28.63 -16.25 6.48
N THR B 383 -28.20 -15.46 5.49
CA THR B 383 -27.04 -15.83 4.69
C THR B 383 -26.18 -14.58 4.60
N PRO B 384 -24.86 -14.74 4.47
CA PRO B 384 -23.93 -13.61 4.39
C PRO B 384 -24.37 -12.60 3.32
N GLU B 385 -24.54 -13.09 2.11
CA GLU B 385 -24.95 -12.25 1.02
C GLU B 385 -26.20 -11.46 1.40
N GLU B 386 -27.23 -12.17 1.85
CA GLU B 386 -28.49 -11.54 2.26
C GLU B 386 -28.22 -10.40 3.24
N GLY B 387 -27.23 -10.57 4.09
CA GLY B 387 -26.91 -9.55 5.05
C GLY B 387 -26.17 -8.38 4.44
N VAL B 388 -25.13 -8.66 3.67
CA VAL B 388 -24.37 -7.59 3.04
C VAL B 388 -25.22 -6.75 2.10
N ARG B 389 -26.25 -7.36 1.53
CA ARG B 389 -27.11 -6.61 0.62
C ARG B 389 -27.80 -5.56 1.44
N SER B 390 -28.03 -5.88 2.71
CA SER B 390 -28.71 -4.97 3.61
C SER B 390 -27.73 -3.96 4.15
N TYR B 391 -26.55 -4.43 4.52
CA TYR B 391 -25.52 -3.56 5.07
C TYR B 391 -25.03 -2.48 4.10
N ALA B 392 -24.71 -2.89 2.88
CA ALA B 392 -24.22 -1.97 1.86
C ALA B 392 -25.26 -0.95 1.42
N SER B 393 -26.53 -1.31 1.52
CA SER B 393 -27.63 -0.43 1.10
C SER B 393 -27.95 0.66 2.12
N THR B 394 -27.71 0.37 3.39
CA THR B 394 -28.01 1.33 4.43
C THR B 394 -26.77 1.98 5.03
N HIS B 395 -25.66 1.27 5.02
CA HIS B 395 -24.44 1.81 5.59
C HIS B 395 -23.42 2.28 4.56
N TRP B 396 -23.87 2.53 3.34
CA TRP B 396 -22.98 2.98 2.28
C TRP B 396 -22.07 4.14 2.66
N HIS B 397 -22.63 5.11 3.37
CA HIS B 397 -21.87 6.29 3.75
C HIS B 397 -20.65 6.02 4.64
N THR B 398 -20.54 4.80 5.16
CA THR B 398 -19.41 4.48 6.03
C THR B 398 -18.34 3.68 5.34
N LEU B 399 -18.46 3.47 4.04
CA LEU B 399 -17.47 2.68 3.32
C LEU B 399 -16.43 3.55 2.61
N GLY B 400 -16.31 4.79 3.05
CA GLY B 400 -15.36 5.70 2.44
C GLY B 400 -16.16 6.79 1.75
N LYS B 401 -15.53 7.94 1.52
CA LYS B 401 -16.19 9.07 0.87
C LYS B 401 -16.60 8.73 -0.55
N ASN B 402 -15.65 8.26 -1.34
CA ASN B 402 -15.89 7.93 -2.74
C ASN B 402 -16.49 6.55 -2.94
N VAL B 403 -15.78 5.52 -2.51
CA VAL B 403 -16.29 4.16 -2.64
C VAL B 403 -17.71 4.14 -2.12
N GLY B 404 -17.91 4.70 -0.93
CA GLY B 404 -19.23 4.73 -0.34
C GLY B 404 -20.25 5.41 -1.22
N GLU B 405 -19.82 6.38 -2.02
CA GLU B 405 -20.73 7.09 -2.89
C GLU B 405 -21.08 6.38 -4.19
N SER B 406 -20.23 5.45 -4.62
CA SER B 406 -20.49 4.70 -5.84
C SER B 406 -21.33 3.49 -5.50
N ILE B 407 -21.28 3.09 -4.24
CA ILE B 407 -22.03 1.95 -3.77
C ILE B 407 -23.45 2.41 -3.49
N ARG B 408 -23.60 3.66 -3.10
CA ARG B 408 -24.91 4.19 -2.83
C ARG B 408 -25.74 4.28 -4.11
N GLU B 409 -25.08 4.40 -5.25
CA GLU B 409 -25.80 4.52 -6.51
C GLU B 409 -25.87 3.24 -7.32
N TYR B 410 -25.02 2.28 -6.99
CA TYR B 410 -25.06 1.01 -7.69
C TYR B 410 -24.05 0.04 -7.15
N PHE B 411 -24.54 -1.15 -6.79
CA PHE B 411 -23.71 -2.22 -6.28
C PHE B 411 -24.51 -3.51 -6.45
N GLU B 412 -23.82 -4.61 -6.70
CA GLU B 412 -24.48 -5.90 -6.84
C GLU B 412 -23.63 -6.94 -6.13
N ILE B 413 -24.26 -8.02 -5.67
CA ILE B 413 -23.54 -9.08 -4.99
C ILE B 413 -23.50 -10.29 -5.91
N ILE B 414 -22.29 -10.72 -6.27
CA ILE B 414 -22.11 -11.85 -7.16
C ILE B 414 -21.64 -13.04 -6.35
N SER B 415 -21.78 -14.24 -6.91
CA SER B 415 -21.35 -15.48 -6.26
C SER B 415 -21.36 -16.61 -7.30
N GLY B 416 -21.15 -17.83 -6.84
CA GLY B 416 -21.15 -18.96 -7.75
C GLY B 416 -20.38 -18.73 -9.04
N GLU B 417 -20.67 -19.54 -10.06
CA GLU B 417 -19.98 -19.41 -11.35
C GLU B 417 -19.89 -17.94 -11.79
N LYS B 418 -21.02 -17.23 -11.72
CA LYS B 418 -21.04 -15.84 -12.13
C LYS B 418 -19.86 -15.07 -11.56
N LEU B 419 -19.46 -15.42 -10.34
CA LEU B 419 -18.35 -14.75 -9.69
C LEU B 419 -16.99 -15.11 -10.26
N PHE B 420 -16.79 -16.41 -10.54
CA PHE B 420 -15.53 -16.88 -11.12
C PHE B 420 -15.32 -16.31 -12.52
N LYS B 421 -16.39 -15.81 -13.11
CA LYS B 421 -16.34 -15.22 -14.44
C LYS B 421 -15.97 -13.72 -14.37
N GLU B 422 -15.92 -13.18 -13.17
CA GLU B 422 -15.52 -11.78 -13.00
C GLU B 422 -13.99 -11.84 -12.91
N PRO B 423 -13.31 -10.76 -13.31
CA PRO B 423 -11.85 -10.69 -13.30
C PRO B 423 -11.24 -10.63 -11.91
N VAL B 424 -11.54 -11.62 -11.08
CA VAL B 424 -11.03 -11.62 -9.72
C VAL B 424 -10.49 -12.98 -9.27
N THR B 425 -10.39 -13.93 -10.20
CA THR B 425 -9.91 -15.28 -9.88
C THR B 425 -8.56 -15.33 -9.16
N ALA B 426 -7.62 -14.50 -9.60
CA ALA B 426 -6.30 -14.49 -8.99
C ALA B 426 -6.38 -14.12 -7.50
N GLU B 427 -6.96 -12.96 -7.22
CA GLU B 427 -7.11 -12.49 -5.86
C GLU B 427 -7.69 -13.55 -4.93
N LEU B 428 -8.76 -14.20 -5.36
CA LEU B 428 -9.40 -15.25 -4.57
C LEU B 428 -8.41 -16.35 -4.18
N CYS B 429 -7.67 -16.85 -5.15
CA CYS B 429 -6.69 -17.89 -4.91
C CYS B 429 -5.67 -17.45 -3.85
N GLU B 430 -5.28 -16.17 -3.89
CA GLU B 430 -4.33 -15.63 -2.92
C GLU B 430 -5.01 -15.54 -1.56
N MET B 431 -6.31 -15.25 -1.58
CA MET B 431 -7.08 -15.13 -0.36
C MET B 431 -7.34 -16.48 0.31
N MET B 432 -7.54 -17.53 -0.50
CA MET B 432 -7.82 -18.87 0.00
C MET B 432 -6.56 -19.70 0.22
N GLY B 433 -5.41 -19.11 -0.06
CA GLY B 433 -4.17 -19.84 0.10
C GLY B 433 -4.05 -20.95 -0.91
N VAL B 434 -4.92 -20.95 -1.91
CA VAL B 434 -4.85 -21.98 -2.94
C VAL B 434 -3.39 -22.03 -3.34
N LYS B 435 -2.81 -23.24 -3.33
CA LYS B 435 -1.41 -23.37 -3.69
C LYS B 435 -1.22 -24.10 -5.02
N ASP B 436 -0.16 -23.73 -5.73
CA ASP B 436 0.22 -24.33 -7.01
C ASP B 436 1.01 -23.32 -7.84
#